data_4WML
#
_entry.id   4WML
#
_cell.length_a   61.560
_cell.length_b   61.560
_cell.length_c   132.490
_cell.angle_alpha   90.00
_cell.angle_beta   90.00
_cell.angle_gamma   90.00
#
_symmetry.space_group_name_H-M   'P 43 21 2'
#
loop_
_entity.id
_entity.type
_entity.pdbx_description
1 polymer 'Orotate phosphoribosyltransferase 1'
2 non-polymer 'MAGNESIUM ION'
3 non-polymer 1-O-[(R)-hydroxy(phosphonomethyl)phosphoryl]-5-O-phosphono-alpha-D-ribofuranose
4 water water
#
_entity_poly.entity_id   1
_entity_poly.type   'polypeptide(L)'
_entity_poly.pdbx_seq_one_letter_code
;PIMLEDYQKNFLELAIECQALRFGSFKLKSGRESPYFFNLGLFNTGKLLSNLATAYAIAIIQSDLKFDVIFGPAYKGIPL
AAIVCVKLAEIGGSKFQNIQYAFNRKEAKDHGEGGIIVGSALENKRILIIDDVMTAGTAINEAFEIISNAKGQVVGSIIA
LDRQEVVSTDDKEGLSATQTVSKKYGIPVLSIVSLIHIITYLEGRITAEEKSKIEQYLQTYGASAENLYFQ
;
_entity_poly.pdbx_strand_id   A
#
# COMPACT_ATOMS: atom_id res chain seq x y z
N ILE A 2 16.99 5.15 -6.51
CA ILE A 2 17.51 6.53 -6.74
C ILE A 2 16.82 7.18 -7.97
N MET A 3 16.07 6.40 -8.76
CA MET A 3 15.12 6.92 -9.76
C MET A 3 13.69 6.50 -9.42
N LEU A 4 12.74 7.32 -9.82
CA LEU A 4 11.36 7.10 -9.51
C LEU A 4 10.77 6.69 -10.80
N GLU A 5 9.95 5.65 -10.81
CA GLU A 5 9.20 5.38 -12.04
C GLU A 5 8.22 6.49 -12.23
N ASP A 6 7.82 6.71 -13.47
CA ASP A 6 6.84 7.72 -13.79
C ASP A 6 5.57 7.48 -13.01
N TYR A 7 5.11 6.22 -12.88
CA TYR A 7 3.84 6.05 -12.17
C TYR A 7 3.94 6.54 -10.74
N GLN A 8 5.13 6.44 -10.16
CA GLN A 8 5.37 6.81 -8.79
C GLN A 8 5.42 8.35 -8.72
N LYS A 9 6.10 8.96 -9.69
CA LYS A 9 6.04 10.46 -9.82
C LYS A 9 4.68 11.07 -9.90
N ASN A 10 3.86 10.47 -10.76
CA ASN A 10 2.52 10.90 -11.00
C ASN A 10 1.68 10.69 -9.76
N PHE A 11 1.89 9.57 -9.06
CA PHE A 11 1.13 9.33 -7.88
C PHE A 11 1.43 10.38 -6.84
N LEU A 12 2.70 10.60 -6.61
CA LEU A 12 3.14 11.52 -5.58
C LEU A 12 2.76 12.96 -5.90
N GLU A 13 2.94 13.37 -7.13
CA GLU A 13 2.43 14.70 -7.53
C GLU A 13 0.91 14.91 -7.22
N LEU A 14 0.07 13.90 -7.57
CA LEU A 14 -1.32 14.03 -7.34
C LEU A 14 -1.61 13.96 -5.86
N ALA A 15 -0.92 13.12 -5.12
CA ALA A 15 -1.19 12.99 -3.67
C ALA A 15 -0.95 14.31 -3.00
N ILE A 16 0.07 15.02 -3.44
CA ILE A 16 0.40 16.35 -2.80
C ILE A 16 -0.61 17.41 -3.25
N GLU A 17 -1.02 17.37 -4.51
CA GLU A 17 -1.99 18.33 -5.02
C GLU A 17 -3.35 18.14 -4.41
N CYS A 18 -3.85 16.90 -4.23
CA CYS A 18 -5.16 16.71 -3.64
C CYS A 18 -5.11 16.71 -2.09
N GLN A 19 -3.92 16.93 -1.51
CA GLN A 19 -3.60 16.97 -0.11
C GLN A 19 -3.68 15.69 0.69
N ALA A 20 -3.76 14.56 -0.01
CA ALA A 20 -3.61 13.25 0.59
C ALA A 20 -2.27 13.15 1.25
N LEU A 21 -1.25 13.77 0.65
CA LEU A 21 0.07 13.83 1.29
C LEU A 21 0.37 15.28 1.61
N ARG A 22 0.64 15.57 2.87
CA ARG A 22 0.98 16.91 3.37
C ARG A 22 2.25 16.84 4.16
N PHE A 23 3.02 17.93 4.12
CA PHE A 23 4.27 18.06 4.82
C PHE A 23 4.19 19.11 5.94
N GLY A 24 4.78 18.75 7.05
CA GLY A 24 4.73 19.51 8.30
C GLY A 24 5.06 18.67 9.51
N SER A 25 4.63 19.10 10.68
CA SER A 25 4.87 18.40 11.88
C SER A 25 3.63 17.72 12.40
N PHE A 26 3.68 16.39 12.51
CA PHE A 26 2.53 15.60 12.86
C PHE A 26 2.96 14.55 13.89
N LYS A 27 2.15 14.29 14.90
CA LYS A 27 2.45 13.23 15.86
C LYS A 27 1.69 11.94 15.62
N LEU A 28 2.39 10.82 15.56
CA LEU A 28 1.64 9.54 15.46
C LEU A 28 0.97 9.15 16.82
N LYS A 29 0.29 8.00 16.85
CA LYS A 29 -0.33 7.49 18.11
C LYS A 29 0.74 7.26 19.15
N SER A 30 1.80 6.54 18.79
CA SER A 30 2.96 6.43 19.66
C SER A 30 3.27 7.81 20.28
N GLY A 31 3.35 8.85 19.45
CA GLY A 31 3.80 10.17 19.90
C GLY A 31 4.99 10.64 19.09
N ARG A 32 5.46 9.79 18.18
CA ARG A 32 6.61 10.09 17.37
C ARG A 32 6.26 11.23 16.38
N GLU A 33 7.22 12.11 16.20
CA GLU A 33 7.13 13.19 15.29
C GLU A 33 7.06 12.49 13.94
N SER A 34 6.26 13.00 13.02
CA SER A 34 6.34 12.55 11.62
C SER A 34 6.36 13.80 10.76
N PRO A 35 7.18 13.84 9.69
CA PRO A 35 7.30 15.04 8.89
C PRO A 35 6.24 15.12 7.77
N TYR A 36 5.29 14.18 7.79
CA TYR A 36 4.16 14.20 6.86
C TYR A 36 2.96 13.49 7.41
N PHE A 37 1.83 13.72 6.75
CA PHE A 37 0.58 13.07 6.98
C PHE A 37 0.05 12.56 5.70
N PHE A 38 -0.52 11.35 5.78
CA PHE A 38 -1.04 10.69 4.59
C PHE A 38 -2.45 10.21 4.83
N ASN A 39 -3.33 10.51 3.87
CA ASN A 39 -4.72 10.07 3.92
C ASN A 39 -5.15 9.76 2.54
N LEU A 40 -5.11 8.49 2.20
CA LEU A 40 -5.50 8.04 0.87
C LEU A 40 -6.93 8.37 0.52
N GLY A 41 -7.77 8.56 1.54
CA GLY A 41 -9.15 8.88 1.32
C GLY A 41 -9.33 10.22 0.58
N LEU A 42 -8.29 11.06 0.57
CA LEU A 42 -8.40 12.31 -0.21
C LEU A 42 -8.24 12.13 -1.76
N PHE A 43 -7.89 10.90 -2.23
CA PHE A 43 -8.11 10.51 -3.64
C PHE A 43 -9.61 10.23 -3.78
N ASN A 44 -10.39 11.27 -3.91
CA ASN A 44 -11.88 11.12 -3.76
C ASN A 44 -12.69 11.58 -4.92
N THR A 45 -12.04 11.91 -6.02
CA THR A 45 -12.78 12.15 -7.29
C THR A 45 -12.57 11.05 -8.30
N GLY A 46 -13.39 11.10 -9.34
CA GLY A 46 -13.29 10.19 -10.43
C GLY A 46 -11.91 10.25 -11.09
N LYS A 47 -11.35 11.44 -11.32
CA LYS A 47 -9.98 11.56 -11.89
C LYS A 47 -8.95 10.98 -10.93
N LEU A 48 -9.12 11.29 -9.64
CA LEU A 48 -8.13 10.86 -8.70
C LEU A 48 -8.17 9.36 -8.51
N LEU A 49 -9.38 8.77 -8.47
CA LEU A 49 -9.51 7.32 -8.29
C LEU A 49 -9.03 6.55 -9.49
N SER A 50 -9.25 7.07 -10.68
CA SER A 50 -8.64 6.52 -11.87
C SER A 50 -7.12 6.48 -11.82
N ASN A 51 -6.55 7.60 -11.38
CA ASN A 51 -5.12 7.67 -11.15
C ASN A 51 -4.56 6.74 -10.10
N LEU A 52 -5.30 6.66 -8.97
CA LEU A 52 -4.94 5.71 -7.96
C LEU A 52 -5.04 4.25 -8.49
N ALA A 53 -6.16 3.87 -9.14
CA ALA A 53 -6.27 2.56 -9.72
C ALA A 53 -5.04 2.20 -10.58
N THR A 54 -4.66 3.18 -11.39
CA THR A 54 -3.52 3.00 -12.34
C THR A 54 -2.25 2.77 -11.59
N ALA A 55 -2.04 3.50 -10.49
CA ALA A 55 -0.86 3.41 -9.75
C ALA A 55 -0.71 2.05 -9.08
N TYR A 56 -1.74 1.63 -8.30
CA TYR A 56 -1.75 0.31 -7.78
C TYR A 56 -1.57 -0.79 -8.90
N ALA A 57 -2.27 -0.70 -10.05
CA ALA A 57 -2.24 -1.73 -11.04
C ALA A 57 -0.82 -1.86 -11.64
N ILE A 58 -0.16 -0.71 -11.90
CA ILE A 58 1.19 -0.74 -12.47
C ILE A 58 2.12 -1.33 -11.40
N ALA A 59 2.00 -0.95 -10.12
CA ALA A 59 2.83 -1.59 -9.09
C ALA A 59 2.74 -3.10 -9.06
N ILE A 60 1.51 -3.58 -9.13
CA ILE A 60 1.19 -5.00 -9.24
C ILE A 60 1.76 -5.65 -10.47
N ILE A 61 1.53 -5.08 -11.65
CA ILE A 61 2.07 -5.63 -12.89
C ILE A 61 3.60 -5.76 -12.79
N GLN A 62 4.27 -4.73 -12.25
CA GLN A 62 5.76 -4.71 -12.19
C GLN A 62 6.34 -5.70 -11.24
N SER A 63 5.56 -6.08 -10.23
CA SER A 63 6.01 -7.00 -9.21
C SER A 63 6.16 -8.41 -9.76
N ASP A 64 5.46 -8.70 -10.86
CA ASP A 64 5.33 -10.02 -11.44
C ASP A 64 4.62 -11.09 -10.58
N LEU A 65 3.94 -10.67 -9.49
CA LEU A 65 3.18 -11.63 -8.67
C LEU A 65 2.06 -12.27 -9.49
N LYS A 66 1.94 -13.59 -9.36
CA LYS A 66 0.83 -14.34 -9.96
C LYS A 66 -0.21 -14.54 -8.92
N PHE A 67 -1.45 -14.13 -9.23
CA PHE A 67 -2.57 -14.30 -8.34
C PHE A 67 -3.82 -14.43 -9.18
N ASP A 68 -4.90 -14.85 -8.53
CA ASP A 68 -6.21 -15.14 -9.19
C ASP A 68 -7.30 -14.15 -8.75
N VAL A 69 -7.16 -13.61 -7.52
CA VAL A 69 -8.21 -12.85 -6.89
C VAL A 69 -7.56 -11.68 -6.19
N ILE A 70 -8.24 -10.54 -6.23
CA ILE A 70 -7.78 -9.41 -5.47
C ILE A 70 -8.86 -9.16 -4.41
N PHE A 71 -8.40 -9.16 -3.18
CA PHE A 71 -9.26 -9.10 -1.97
C PHE A 71 -9.07 -7.81 -1.18
N GLY A 72 -10.14 -7.05 -0.97
CA GLY A 72 -10.09 -5.86 -0.13
C GLY A 72 -10.84 -5.99 1.22
N PRO A 73 -10.14 -5.80 2.30
CA PRO A 73 -10.76 -5.78 3.64
C PRO A 73 -11.74 -4.65 3.82
N ALA A 74 -12.92 -5.02 4.27
CA ALA A 74 -13.95 -4.01 4.50
C ALA A 74 -13.48 -3.02 5.55
N TYR A 75 -13.89 -1.76 5.42
CA TYR A 75 -14.64 -1.24 4.32
C TYR A 75 -13.68 -0.64 3.24
N LYS A 76 -12.58 0.00 3.63
CA LYS A 76 -11.83 0.89 2.72
C LYS A 76 -11.17 0.08 1.54
N GLY A 77 -10.91 -1.20 1.76
CA GLY A 77 -10.37 -2.02 0.74
C GLY A 77 -11.39 -2.41 -0.30
N ILE A 78 -12.67 -2.26 -0.04
CA ILE A 78 -13.72 -2.73 -1.01
C ILE A 78 -13.63 -1.89 -2.34
N PRO A 79 -13.71 -0.57 -2.26
CA PRO A 79 -13.54 0.13 -3.51
C PRO A 79 -12.20 -0.05 -4.15
N LEU A 80 -11.12 -0.12 -3.40
CA LEU A 80 -9.77 -0.25 -3.94
C LEU A 80 -9.66 -1.56 -4.70
N ALA A 81 -10.15 -2.63 -4.10
CA ALA A 81 -10.13 -3.94 -4.83
C ALA A 81 -10.85 -3.90 -6.21
N ALA A 82 -12.01 -3.26 -6.24
CA ALA A 82 -12.86 -3.12 -7.43
C ALA A 82 -12.13 -2.31 -8.46
N ILE A 83 -11.67 -1.11 -8.07
CA ILE A 83 -11.15 -0.18 -9.13
C ILE A 83 -9.84 -0.76 -9.68
N VAL A 84 -9.03 -1.41 -8.80
CA VAL A 84 -7.79 -2.07 -9.21
C VAL A 84 -8.01 -3.29 -10.10
N CYS A 85 -8.96 -4.12 -9.76
CA CYS A 85 -9.29 -5.23 -10.62
C CYS A 85 -9.64 -4.78 -12.01
N VAL A 86 -10.41 -3.72 -12.13
CA VAL A 86 -10.81 -3.19 -13.40
C VAL A 86 -9.58 -2.67 -14.17
N LYS A 87 -8.74 -1.88 -13.50
CA LYS A 87 -7.62 -1.28 -14.14
C LYS A 87 -6.65 -2.33 -14.62
N LEU A 88 -6.45 -3.36 -13.84
CA LEU A 88 -5.55 -4.50 -14.28
C LEU A 88 -6.05 -5.09 -15.60
N ALA A 89 -7.36 -5.28 -15.75
CA ALA A 89 -7.87 -5.81 -17.01
C ALA A 89 -7.73 -4.80 -18.15
N GLU A 90 -7.84 -3.52 -17.83
CA GLU A 90 -7.65 -2.47 -18.81
C GLU A 90 -6.23 -2.25 -19.28
N ILE A 91 -5.24 -2.42 -18.42
CA ILE A 91 -3.92 -2.06 -18.83
C ILE A 91 -2.96 -3.22 -18.84
N GLY A 92 -3.36 -4.39 -18.34
CA GLY A 92 -2.41 -5.45 -18.09
C GLY A 92 -2.28 -6.53 -19.16
N GLY A 93 -3.16 -6.43 -20.16
CA GLY A 93 -3.24 -7.45 -21.20
C GLY A 93 -3.93 -8.73 -20.79
N SER A 94 -3.79 -9.71 -21.66
CA SER A 94 -4.47 -11.00 -21.57
C SER A 94 -4.45 -11.65 -20.24
N LYS A 95 -3.31 -11.56 -19.58
CA LYS A 95 -3.14 -12.28 -18.35
C LYS A 95 -4.00 -11.70 -17.23
N PHE A 96 -4.53 -10.50 -17.38
CA PHE A 96 -5.28 -9.93 -16.26
C PHE A 96 -6.77 -9.87 -16.55
N GLN A 97 -7.25 -10.50 -17.63
CA GLN A 97 -8.66 -10.30 -17.95
C GLN A 97 -9.59 -10.96 -16.93
N ASN A 98 -9.20 -12.15 -16.48
CA ASN A 98 -10.12 -12.98 -15.72
C ASN A 98 -9.86 -12.97 -14.21
N ILE A 99 -9.08 -11.99 -13.76
CA ILE A 99 -8.83 -11.80 -12.29
C ILE A 99 -10.17 -11.51 -11.65
N GLN A 100 -10.45 -12.05 -10.48
CA GLN A 100 -11.68 -11.74 -9.79
C GLN A 100 -11.44 -10.79 -8.63
N TYR A 101 -12.49 -10.11 -8.10
CA TYR A 101 -12.31 -9.46 -6.80
C TYR A 101 -13.34 -10.04 -5.79
N ALA A 102 -12.99 -9.83 -4.57
CA ALA A 102 -13.77 -10.27 -3.44
C ALA A 102 -13.47 -9.37 -2.30
N PHE A 103 -14.36 -9.41 -1.28
CA PHE A 103 -14.18 -8.64 -0.10
C PHE A 103 -15.14 -9.31 0.95
N ASN A 104 -14.99 -8.90 2.16
CA ASN A 104 -15.77 -9.47 3.31
C ASN A 104 -16.83 -8.52 3.78
N ARG A 105 -18.00 -9.03 4.11
CA ARG A 105 -18.93 -8.26 4.99
C ARG A 105 -18.44 -8.23 6.44
N LYS A 106 -18.49 -7.11 7.12
CA LYS A 106 -18.06 -7.06 8.53
C LYS A 106 -18.93 -7.99 9.38
N GLU A 107 -20.17 -8.27 8.93
CA GLU A 107 -21.00 -9.36 9.45
C GLU A 107 -22.38 -9.38 8.80
N GLY A 115 -22.84 -15.97 3.42
CA GLY A 115 -21.51 -15.87 4.00
C GLY A 115 -20.93 -14.47 4.23
N ILE A 116 -19.68 -14.46 4.61
CA ILE A 116 -18.96 -13.29 4.94
C ILE A 116 -18.25 -12.81 3.66
N ILE A 117 -17.92 -13.69 2.72
CA ILE A 117 -17.16 -13.29 1.49
C ILE A 117 -18.11 -13.00 0.39
N VAL A 118 -18.03 -11.80 -0.16
CA VAL A 118 -18.76 -11.44 -1.39
C VAL A 118 -17.85 -11.65 -2.61
N GLY A 119 -18.24 -12.58 -3.50
CA GLY A 119 -17.46 -12.99 -4.66
C GLY A 119 -17.43 -14.50 -4.86
N SER A 120 -16.74 -14.96 -5.90
CA SER A 120 -16.68 -16.45 -6.20
C SER A 120 -15.89 -17.15 -5.10
N ALA A 121 -16.17 -18.44 -4.93
CA ALA A 121 -15.51 -19.16 -3.90
C ALA A 121 -13.98 -18.94 -4.00
N LEU A 122 -13.34 -18.71 -2.87
CA LEU A 122 -11.85 -18.62 -2.81
C LEU A 122 -11.09 -19.91 -2.78
N GLU A 123 -11.76 -21.07 -2.77
CA GLU A 123 -11.08 -22.32 -2.66
C GLU A 123 -10.05 -22.51 -3.74
N ASN A 124 -8.84 -22.79 -3.35
CA ASN A 124 -7.72 -23.02 -4.27
C ASN A 124 -7.32 -21.86 -5.10
N LYS A 125 -7.78 -20.65 -4.75
CA LYS A 125 -7.35 -19.46 -5.48
C LYS A 125 -6.23 -18.73 -4.80
N ARG A 126 -5.36 -18.10 -5.60
CA ARG A 126 -4.27 -17.32 -5.12
CA ARG A 126 -4.27 -17.32 -5.10
C ARG A 126 -4.75 -15.88 -4.92
N ILE A 127 -4.62 -15.37 -3.69
CA ILE A 127 -5.16 -14.05 -3.33
C ILE A 127 -4.10 -13.00 -3.05
N LEU A 128 -4.30 -11.82 -3.64
CA LEU A 128 -3.60 -10.61 -3.35
C LEU A 128 -4.55 -9.72 -2.54
N ILE A 129 -4.09 -9.38 -1.34
CA ILE A 129 -4.86 -8.49 -0.48
C ILE A 129 -4.46 -7.09 -0.76
N ILE A 130 -5.44 -6.28 -1.01
CA ILE A 130 -5.22 -4.83 -1.23
C ILE A 130 -5.89 -4.04 -0.10
N ASP A 131 -5.13 -3.09 0.39
CA ASP A 131 -5.68 -2.12 1.34
C ASP A 131 -5.02 -0.77 1.19
N ASP A 132 -5.52 0.20 1.96
CA ASP A 132 -4.90 1.51 1.95
C ASP A 132 -3.57 1.64 2.70
N VAL A 133 -3.50 1.14 3.94
CA VAL A 133 -2.37 1.27 4.80
C VAL A 133 -2.37 0.03 5.68
N MET A 134 -1.24 -0.18 6.29
CA MET A 134 -1.01 -1.22 7.28
C MET A 134 -0.21 -0.63 8.42
N THR A 135 -0.57 -0.89 9.69
CA THR A 135 0.34 -0.54 10.81
C THR A 135 0.53 -1.83 11.62
N ALA A 136 -0.36 -2.13 12.58
CA ALA A 136 -0.13 -3.30 13.47
C ALA A 136 -0.43 -4.62 12.81
N GLY A 137 -1.10 -4.57 11.66
CA GLY A 137 -1.49 -5.76 10.90
C GLY A 137 -2.83 -6.35 11.23
N THR A 138 -3.70 -5.62 11.96
CA THR A 138 -4.99 -6.21 12.36
C THR A 138 -5.91 -6.55 11.18
N ALA A 139 -5.94 -5.71 10.14
CA ALA A 139 -6.79 -6.06 9.01
C ALA A 139 -6.18 -7.19 8.19
N ILE A 140 -4.86 -7.24 8.07
CA ILE A 140 -4.21 -8.37 7.43
C ILE A 140 -4.51 -9.69 8.19
N ASN A 141 -4.37 -9.65 9.53
CA ASN A 141 -4.72 -10.82 10.37
C ASN A 141 -6.11 -11.28 10.16
N GLU A 142 -7.07 -10.36 10.19
CA GLU A 142 -8.46 -10.74 9.92
C GLU A 142 -8.66 -11.28 8.50
N ALA A 143 -8.07 -10.68 7.47
CA ALA A 143 -8.21 -11.25 6.14
C ALA A 143 -7.65 -12.67 6.07
N PHE A 144 -6.47 -12.89 6.64
CA PHE A 144 -5.88 -14.24 6.62
C PHE A 144 -6.80 -15.27 7.23
N GLU A 145 -7.51 -14.86 8.27
CA GLU A 145 -8.40 -15.77 8.97
C GLU A 145 -9.58 -16.12 8.09
N ILE A 146 -10.17 -15.08 7.50
CA ILE A 146 -11.33 -15.28 6.64
C ILE A 146 -10.94 -16.05 5.41
N ILE A 147 -9.79 -15.73 4.86
CA ILE A 147 -9.38 -16.38 3.61
C ILE A 147 -8.97 -17.84 3.83
N SER A 148 -8.28 -18.09 4.91
CA SER A 148 -7.86 -19.45 5.19
C SER A 148 -9.04 -20.34 5.56
N ASN A 149 -10.09 -19.77 6.15
CA ASN A 149 -11.41 -20.47 6.35
C ASN A 149 -12.10 -20.88 5.05
N ALA A 150 -11.97 -20.06 4.01
CA ALA A 150 -12.50 -20.37 2.70
C ALA A 150 -11.57 -21.13 1.80
N LYS A 151 -10.41 -21.58 2.32
CA LYS A 151 -9.41 -22.42 1.59
C LYS A 151 -8.72 -21.63 0.45
N GLY A 152 -8.62 -20.33 0.60
CA GLY A 152 -7.87 -19.50 -0.33
C GLY A 152 -6.43 -19.55 0.11
N GLN A 153 -5.55 -19.16 -0.79
CA GLN A 153 -4.15 -19.04 -0.49
C GLN A 153 -3.69 -17.60 -0.75
N VAL A 154 -3.32 -16.91 0.30
CA VAL A 154 -2.75 -15.56 0.14
C VAL A 154 -1.37 -15.61 -0.39
N VAL A 155 -1.10 -14.88 -1.48
CA VAL A 155 0.24 -14.84 -2.07
C VAL A 155 0.94 -13.52 -1.99
N GLY A 156 0.20 -12.53 -1.51
CA GLY A 156 0.73 -11.19 -1.42
C GLY A 156 -0.21 -10.16 -0.87
N SER A 157 0.35 -9.01 -0.54
CA SER A 157 -0.44 -7.86 -0.20
C SER A 157 0.09 -6.58 -0.84
N ILE A 158 -0.77 -5.61 -1.01
CA ILE A 158 -0.31 -4.29 -1.45
C ILE A 158 -1.08 -3.16 -0.73
N ILE A 159 -0.31 -2.15 -0.33
CA ILE A 159 -0.78 -0.91 0.24
C ILE A 159 -0.28 0.29 -0.58
N ALA A 160 -0.80 1.48 -0.26
CA ALA A 160 -0.45 2.64 -1.06
C ALA A 160 0.93 3.16 -0.71
N LEU A 161 1.11 3.46 0.55
CA LEU A 161 2.35 4.03 1.05
C LEU A 161 2.88 3.16 2.16
N ASP A 162 4.11 2.73 1.94
CA ASP A 162 4.88 2.05 2.95
C ASP A 162 5.72 3.10 3.72
N ARG A 163 5.38 3.28 4.99
CA ARG A 163 6.04 4.30 5.80
C ARG A 163 7.50 3.91 6.08
N GLN A 164 7.84 2.61 5.95
CA GLN A 164 9.25 2.23 5.99
C GLN A 164 9.90 2.67 7.32
N GLU A 165 9.11 2.63 8.39
CA GLU A 165 9.56 2.94 9.74
C GLU A 165 9.60 1.72 10.63
N VAL A 166 10.60 1.68 11.52
CA VAL A 166 10.68 0.61 12.51
C VAL A 166 9.44 0.72 13.38
N VAL A 167 8.83 -0.44 13.67
CA VAL A 167 7.67 -0.52 14.51
C VAL A 167 8.06 0.00 15.90
N SER A 168 9.18 -0.49 16.41
CA SER A 168 9.75 -0.03 17.69
C SER A 168 11.24 0.34 17.50
N THR A 169 11.71 1.29 18.31
CA THR A 169 13.14 1.71 18.31
C THR A 169 13.99 0.93 19.35
N ASP A 170 13.38 -0.06 19.98
CA ASP A 170 14.08 -1.06 20.79
C ASP A 170 14.25 -2.44 20.11
N ASP A 171 13.43 -2.74 19.10
CA ASP A 171 13.59 -3.96 18.29
C ASP A 171 14.99 -3.92 17.63
N LYS A 172 15.76 -4.99 17.78
CA LYS A 172 17.13 -5.04 17.22
C LYS A 172 17.08 -5.24 15.72
N GLU A 173 16.16 -6.13 15.28
CA GLU A 173 15.89 -6.42 13.86
C GLU A 173 15.53 -5.18 13.02
N GLY A 174 14.84 -4.24 13.66
CA GLY A 174 14.38 -3.00 13.00
C GLY A 174 13.40 -3.30 11.88
N LEU A 175 12.43 -4.16 12.16
CA LEU A 175 11.45 -4.48 11.13
C LEU A 175 10.39 -3.40 11.05
N SER A 176 10.11 -2.96 9.83
CA SER A 176 8.93 -2.10 9.60
C SER A 176 7.64 -2.91 9.72
N ALA A 177 6.50 -2.23 9.64
CA ALA A 177 5.20 -2.82 9.75
C ALA A 177 4.95 -3.81 8.61
N THR A 178 5.30 -3.38 7.38
CA THR A 178 5.11 -4.25 6.22
C THR A 178 6.09 -5.42 6.31
N GLN A 179 7.30 -5.17 6.77
CA GLN A 179 8.28 -6.28 7.00
C GLN A 179 7.84 -7.31 8.00
N THR A 180 7.16 -6.83 9.05
CA THR A 180 6.69 -7.66 10.12
C THR A 180 5.67 -8.62 9.53
N VAL A 181 4.75 -8.06 8.78
CA VAL A 181 3.73 -8.84 8.15
C VAL A 181 4.33 -9.81 7.15
N SER A 182 5.22 -9.32 6.32
CA SER A 182 5.88 -10.12 5.34
C SER A 182 6.60 -11.29 5.93
N LYS A 183 7.18 -11.11 7.10
CA LYS A 183 7.89 -12.19 7.80
C LYS A 183 6.95 -13.22 8.37
N LYS A 184 5.91 -12.76 9.03
CA LYS A 184 4.97 -13.62 9.72
C LYS A 184 4.20 -14.52 8.74
N TYR A 185 3.84 -13.98 7.57
CA TYR A 185 2.98 -14.69 6.62
C TYR A 185 3.74 -15.18 5.43
N GLY A 186 5.00 -14.79 5.32
CA GLY A 186 5.80 -15.33 4.25
C GLY A 186 5.42 -14.84 2.85
N ILE A 187 4.89 -13.63 2.80
CA ILE A 187 4.46 -13.06 1.52
C ILE A 187 4.99 -11.64 1.33
N PRO A 188 5.15 -11.23 0.05
CA PRO A 188 5.52 -9.85 -0.22
C PRO A 188 4.46 -8.84 0.23
N VAL A 189 4.90 -7.72 0.77
CA VAL A 189 4.00 -6.56 0.99
C VAL A 189 4.45 -5.43 0.09
N LEU A 190 3.78 -5.31 -1.05
CA LEU A 190 4.11 -4.35 -2.04
C LEU A 190 3.55 -2.99 -1.60
N SER A 191 3.99 -1.94 -2.27
CA SER A 191 3.42 -0.62 -2.03
C SER A 191 3.62 0.20 -3.34
N ILE A 192 2.88 1.26 -3.46
CA ILE A 192 2.98 2.11 -4.69
C ILE A 192 4.27 2.92 -4.52
N VAL A 193 4.38 3.50 -3.35
CA VAL A 193 5.60 4.17 -2.89
C VAL A 193 5.92 3.90 -1.43
N SER A 194 7.20 4.20 -1.10
CA SER A 194 7.74 4.24 0.22
C SER A 194 8.35 5.62 0.54
N LEU A 195 8.58 5.79 1.81
CA LEU A 195 9.31 6.97 2.31
C LEU A 195 10.52 7.35 1.40
N ILE A 196 11.32 6.37 1.02
CA ILE A 196 12.48 6.72 0.13
C ILE A 196 12.03 7.42 -1.14
N HIS A 197 10.87 7.03 -1.72
CA HIS A 197 10.46 7.62 -2.98
C HIS A 197 10.00 9.06 -2.78
N ILE A 198 9.39 9.33 -1.62
CA ILE A 198 8.87 10.64 -1.28
C ILE A 198 10.07 11.59 -1.21
N ILE A 199 11.09 11.09 -0.57
CA ILE A 199 12.36 11.84 -0.46
C ILE A 199 12.98 12.14 -1.81
N THR A 200 13.05 11.14 -2.68
CA THR A 200 13.61 11.36 -4.01
C THR A 200 12.76 12.32 -4.78
N TYR A 201 11.44 12.21 -4.67
CA TYR A 201 10.58 13.15 -5.33
C TYR A 201 10.90 14.62 -4.96
N LEU A 202 11.24 14.84 -3.72
CA LEU A 202 11.32 16.21 -3.20
C LEU A 202 12.62 16.88 -3.64
N GLU A 203 13.61 16.09 -4.08
CA GLU A 203 14.90 16.64 -4.60
C GLU A 203 14.59 17.85 -5.50
N GLY A 204 15.08 19.02 -5.11
CA GLY A 204 14.93 20.22 -5.97
C GLY A 204 13.58 20.91 -5.90
N ARG A 205 12.68 20.42 -5.04
CA ARG A 205 11.42 21.13 -4.73
CA ARG A 205 11.42 21.12 -4.72
C ARG A 205 11.52 21.77 -3.34
N ILE A 206 12.46 21.28 -2.53
CA ILE A 206 12.65 21.77 -1.15
C ILE A 206 14.06 22.27 -0.98
N THR A 207 14.29 23.04 0.10
CA THR A 207 15.64 23.59 0.37
C THR A 207 16.58 22.48 0.88
N ALA A 208 17.89 22.76 0.85
CA ALA A 208 18.90 21.88 1.41
C ALA A 208 18.68 21.59 2.90
N GLU A 209 18.29 22.60 3.66
CA GLU A 209 18.04 22.38 5.07
C GLU A 209 16.86 21.38 5.30
N GLU A 210 15.84 21.51 4.46
CA GLU A 210 14.60 20.71 4.59
C GLU A 210 14.95 19.30 4.13
N LYS A 211 15.69 19.20 3.00
CA LYS A 211 16.23 17.92 2.51
C LYS A 211 17.02 17.20 3.64
N SER A 212 18.00 17.89 4.25
N SER A 212 17.96 17.89 4.28
CA SER A 212 18.76 17.34 5.39
CA SER A 212 18.79 17.27 5.32
C SER A 212 17.85 16.74 6.43
C SER A 212 18.00 16.83 6.58
N LYS A 213 16.96 17.56 6.95
CA LYS A 213 16.16 17.21 8.12
C LYS A 213 15.21 16.00 7.86
N ILE A 214 14.78 15.82 6.60
CA ILE A 214 13.93 14.64 6.28
C ILE A 214 14.82 13.40 6.09
N GLU A 215 15.96 13.58 5.41
CA GLU A 215 17.05 12.57 5.31
C GLU A 215 17.69 12.21 6.64
N GLN A 216 17.42 12.99 7.69
CA GLN A 216 17.75 12.62 9.05
C GLN A 216 16.60 11.84 9.69
N TYR A 217 15.32 12.15 9.36
CA TYR A 217 14.23 11.35 9.90
C TYR A 217 14.41 9.89 9.43
N LEU A 218 14.74 9.73 8.16
CA LEU A 218 15.03 8.44 7.56
C LEU A 218 16.02 7.66 8.44
N GLN A 219 17.08 8.33 8.93
CA GLN A 219 18.13 7.70 9.79
C GLN A 219 17.63 7.16 11.13
N THR A 220 16.90 7.96 11.87
CA THR A 220 16.46 7.53 13.20
C THR A 220 15.38 6.46 13.20
N TYR A 221 14.53 6.46 12.16
CA TYR A 221 13.33 5.58 12.18
C TYR A 221 13.18 4.69 10.98
N GLY A 222 13.94 4.95 9.93
CA GLY A 222 13.94 4.12 8.72
C GLY A 222 14.23 2.66 9.06
N ALA A 223 13.46 1.75 8.44
CA ALA A 223 13.53 0.33 8.76
C ALA A 223 14.80 -0.31 8.24
N SER A 224 15.35 -1.22 9.06
CA SER A 224 16.61 -1.94 8.84
C SER A 224 17.79 -0.97 8.72
#